data_3IG3
#
_entry.id   3IG3
#
_cell.length_a   147.789
_cell.length_b   47.203
_cell.length_c   101.178
_cell.angle_alpha   90.000
_cell.angle_beta   118.690
_cell.angle_gamma   90.000
#
_symmetry.space_group_name_H-M   'C 1 2 1'
#
loop_
_entity.id
_entity.type
_entity.pdbx_description
1 polymer 'Plxna3 protein'
2 non-polymer GLYCEROL
3 water water
#
_entity_poly.entity_id   1
_entity_poly.type   'polypeptide(L)'
_entity_poly.pdbx_seq_one_letter_code
;STQDADRTLKRLQLQMDNLESRVALECKEAFAELQTDINELTNHMDGVQIPFLDYRTYAVRVLFPGIEAHPVLKELDTPP
NVEKALRLFGQLLHSRAFLLTFIHTLEAQSSFSMRDRGTVASLTMVALQSRLDYATGLLKQLLADLIEKNLESKNHPKLL
LRRTESVAEKMLTNWFTFLLHKFLKECAGEPLFLLYCAIKQQMEKGPIDAITGEARYSLSEDKLIRQQIDYKTLTLHCVC
PESEGSAQVPVKVLNCDSITQAKDKLLDTVYKGIPYSQRPKAEDMDLEWRQGRMARIILQDEDITTKIECDWKRVNSLAH
YQVTDGSLVALVPKQVSAYNMANSFTFTRSLSRYESLLRAASSPDSLRSRAPMLTPDQEAGTKLWHLVRNHDHTDHREGD
RGSKMVSEIYLTRLLATKGTLQKFVDDLFETVFSTAHRGSALPLAIKYMFDFLDEQADQRQISDPDVRHTWKSNCLPLRF
WVNVIKNPQFVFDIHKNSITDACLSVVAQTFMDSCSTSEHRLGKDSPSNKLLYAKDIPNYKSWVERYYRDIAKMASISDQ
DMDAYLVEQSRLHANDFNVLSALSELYFYVTKYRQEILTSLDRDASCRKHKLRQKLEQIITLVSSSS
;
_entity_poly.pdbx_strand_id   A
#
# COMPACT_ATOMS: atom_id res chain seq x y z
N SER A 1 -37.24 2.24 7.94
CA SER A 1 -36.90 3.54 8.48
C SER A 1 -38.16 4.40 8.64
N THR A 2 -37.99 5.59 9.22
CA THR A 2 -39.12 6.49 9.43
C THR A 2 -39.32 7.43 8.24
N GLN A 3 -40.45 8.12 8.22
CA GLN A 3 -40.72 9.11 7.18
C GLN A 3 -39.75 10.28 7.31
N ASP A 4 -39.42 10.63 8.55
CA ASP A 4 -38.43 11.67 8.83
C ASP A 4 -37.07 11.29 8.27
N ALA A 5 -36.62 10.08 8.60
CA ALA A 5 -35.33 9.58 8.12
C ALA A 5 -35.22 9.64 6.60
N ASP A 6 -36.24 9.14 5.92
CA ASP A 6 -36.27 9.17 4.45
C ASP A 6 -36.25 10.61 3.93
N ARG A 7 -36.98 11.48 4.63
CA ARG A 7 -37.07 12.88 4.26
C ARG A 7 -35.70 13.57 4.36
N THR A 8 -34.99 13.33 5.46
CA THR A 8 -33.69 13.96 5.66
C THR A 8 -32.62 13.36 4.72
N LEU A 9 -32.79 12.09 4.38
CA LEU A 9 -31.89 11.43 3.44
C LEU A 9 -31.96 12.10 2.07
N LYS A 10 -33.19 12.24 1.56
CA LYS A 10 -33.41 12.85 0.25
C LYS A 10 -32.89 14.28 0.16
N ARG A 11 -33.07 15.05 1.24
CA ARG A 11 -32.57 16.43 1.29
C ARG A 11 -31.06 16.47 1.25
N LEU A 12 -30.42 15.61 2.04
CA LEU A 12 -28.96 15.50 2.04
C LEU A 12 -28.43 15.12 0.65
N GLN A 13 -29.18 14.29 -0.06
CA GLN A 13 -28.77 13.81 -1.39
C GLN A 13 -28.82 14.92 -2.45
N LEU A 14 -29.85 15.75 -2.39
CA LEU A 14 -29.96 16.88 -3.32
C LEU A 14 -29.05 18.03 -2.91
N GLN A 15 -28.83 18.18 -1.61
CA GLN A 15 -27.88 19.15 -1.10
C GLN A 15 -26.50 18.83 -1.67
N MET A 16 -26.21 17.54 -1.75
CA MET A 16 -24.96 17.07 -2.31
C MET A 16 -24.95 17.33 -3.81
N ASP A 17 -26.04 16.99 -4.47
CA ASP A 17 -26.20 17.22 -5.90
C ASP A 17 -25.97 18.69 -6.24
N ASN A 18 -26.41 19.58 -5.35
CA ASN A 18 -26.28 21.01 -5.58
C ASN A 18 -24.81 21.42 -5.60
N LEU A 19 -24.08 21.05 -4.56
CA LEU A 19 -22.66 21.40 -4.45
C LEU A 19 -21.82 20.76 -5.55
N GLU A 20 -22.22 19.59 -6.00
CA GLU A 20 -21.56 18.92 -7.12
C GLU A 20 -21.72 19.74 -8.39
N SER A 21 -22.88 20.38 -8.53
CA SER A 21 -23.17 21.18 -9.71
C SER A 21 -22.31 22.43 -9.75
N ARG A 22 -22.08 23.03 -8.59
CA ARG A 22 -21.25 24.23 -8.50
C ARG A 22 -19.86 24.02 -9.11
N VAL A 23 -19.35 22.80 -9.05
CA VAL A 23 -17.95 22.53 -9.42
C VAL A 23 -17.78 21.62 -10.63
N ALA A 24 -18.87 21.04 -11.11
CA ALA A 24 -18.80 20.01 -12.16
C ALA A 24 -17.93 20.38 -13.37
N LEU A 25 -18.25 21.50 -14.01
CA LEU A 25 -17.53 21.90 -15.22
C LEU A 25 -16.08 22.30 -14.92
N GLU A 26 -15.88 23.01 -13.81
CA GLU A 26 -14.55 23.35 -13.32
C GLU A 26 -13.69 22.10 -13.13
N CYS A 27 -14.30 21.04 -12.60
CA CYS A 27 -13.59 19.79 -12.37
C CYS A 27 -13.10 19.18 -13.68
N LYS A 28 -13.94 19.27 -14.71
CA LYS A 28 -13.60 18.72 -16.01
C LYS A 28 -12.35 19.36 -16.58
N GLU A 29 -12.25 20.68 -16.43
CA GLU A 29 -11.09 21.40 -16.95
C GLU A 29 -9.87 21.21 -16.06
N ALA A 30 -10.11 21.10 -14.75
CA ALA A 30 -9.02 20.85 -13.81
C ALA A 30 -8.39 19.49 -14.11
N PHE A 31 -9.23 18.50 -14.43
CA PHE A 31 -8.73 17.18 -14.77
C PHE A 31 -7.88 17.20 -16.03
N ALA A 32 -8.39 17.85 -17.08
CA ALA A 32 -7.66 17.96 -18.33
C ALA A 32 -6.31 18.60 -18.08
N GLU A 33 -6.28 19.59 -17.19
CA GLU A 33 -5.05 20.27 -16.82
C GLU A 33 -4.11 19.30 -16.13
N LEU A 34 -4.66 18.49 -15.24
CA LEU A 34 -3.87 17.54 -14.48
C LEU A 34 -3.32 16.47 -15.42
N GLN A 35 -4.15 16.07 -16.38
CA GLN A 35 -3.77 15.01 -17.31
C GLN A 35 -2.64 15.42 -18.23
N THR A 36 -2.61 16.68 -18.66
CA THR A 36 -1.50 17.16 -19.48
C THR A 36 -0.28 17.41 -18.62
N ASP A 37 -0.50 17.84 -17.38
CA ASP A 37 0.58 17.93 -16.42
C ASP A 37 1.18 16.55 -16.23
N ILE A 38 0.32 15.53 -16.25
CA ILE A 38 0.74 14.17 -15.97
C ILE A 38 1.47 13.55 -17.16
N ASN A 39 0.96 13.81 -18.37
CA ASN A 39 1.55 13.27 -19.58
C ASN A 39 2.86 13.95 -19.93
N GLU A 40 3.18 15.01 -19.20
CA GLU A 40 4.46 15.69 -19.38
C GLU A 40 5.53 15.10 -18.47
N LEU A 41 5.26 15.09 -17.18
CA LEU A 41 6.23 14.62 -16.20
C LEU A 41 6.53 13.14 -16.32
N THR A 42 5.77 12.43 -17.17
CA THR A 42 5.91 10.97 -17.24
C THR A 42 5.81 10.35 -18.63
N ASN A 43 5.10 10.99 -19.55
CA ASN A 43 4.82 10.35 -20.84
C ASN A 43 5.90 10.53 -21.92
N HIS A 44 7.03 11.10 -21.55
CA HIS A 44 8.18 11.25 -22.45
C HIS A 44 9.18 12.27 -21.91
N VAL A 48 9.51 9.57 -19.40
CA VAL A 48 10.00 9.01 -18.15
C VAL A 48 9.35 7.66 -17.86
N GLN A 49 10.16 6.70 -17.42
CA GLN A 49 9.71 5.34 -17.20
C GLN A 49 9.14 5.15 -15.79
N ILE A 50 7.94 4.60 -15.70
CA ILE A 50 7.34 4.25 -14.41
C ILE A 50 8.39 3.55 -13.55
N PRO A 51 8.63 4.07 -12.34
CA PRO A 51 9.74 3.63 -11.50
C PRO A 51 9.42 2.38 -10.69
N PHE A 52 9.10 1.27 -11.34
CA PHE A 52 8.85 0.01 -10.64
C PHE A 52 10.07 -0.42 -9.82
N LEU A 53 9.84 -0.77 -8.57
CA LEU A 53 10.85 -1.47 -7.79
C LEU A 53 11.05 -2.84 -8.42
N ASP A 54 12.21 -3.45 -8.24
CA ASP A 54 12.37 -4.82 -8.68
C ASP A 54 11.57 -5.75 -7.77
N TYR A 55 11.32 -6.97 -8.23
CA TYR A 55 10.47 -7.92 -7.52
C TYR A 55 10.87 -8.11 -6.05
N ARG A 56 12.16 -8.37 -5.80
CA ARG A 56 12.57 -8.70 -4.45
C ARG A 56 12.41 -7.54 -3.46
N THR A 57 12.57 -6.32 -3.94
CA THR A 57 12.41 -5.16 -3.09
C THR A 57 10.92 -4.94 -2.79
N TYR A 58 10.10 -5.04 -3.82
CA TYR A 58 8.65 -4.97 -3.69
C TYR A 58 8.15 -6.02 -2.70
N ALA A 59 8.63 -7.25 -2.87
CA ALA A 59 8.18 -8.35 -2.03
C ALA A 59 8.45 -8.04 -0.55
N VAL A 60 9.64 -7.57 -0.25
CA VAL A 60 10.04 -7.30 1.12
C VAL A 60 9.33 -6.07 1.70
N ARG A 61 9.08 -5.06 0.87
CA ARG A 61 8.32 -3.90 1.32
C ARG A 61 6.92 -4.31 1.77
N VAL A 62 6.30 -5.22 1.04
CA VAL A 62 4.98 -5.69 1.37
C VAL A 62 5.00 -6.66 2.54
N LEU A 63 5.84 -7.69 2.45
CA LEU A 63 5.90 -8.72 3.49
C LEU A 63 6.40 -8.19 4.84
N PHE A 64 7.33 -7.25 4.81
CA PHE A 64 7.92 -6.71 6.02
C PHE A 64 7.83 -5.19 6.05
N PRO A 65 6.62 -4.66 6.27
CA PRO A 65 6.31 -3.23 6.16
C PRO A 65 7.18 -2.38 7.08
N GLY A 66 7.89 -1.42 6.50
CA GLY A 66 8.63 -0.43 7.26
C GLY A 66 9.98 -0.88 7.79
N ILE A 67 10.36 -2.11 7.48
CA ILE A 67 11.67 -2.61 7.90
C ILE A 67 12.71 -2.35 6.80
N GLU A 68 13.66 -1.47 7.09
CA GLU A 68 14.73 -1.19 6.14
C GLU A 68 15.85 -2.21 6.24
N ALA A 69 16.41 -2.58 5.08
CA ALA A 69 17.50 -3.54 5.02
C ALA A 69 17.20 -4.84 5.77
N HIS A 70 16.08 -5.47 5.42
CA HIS A 70 15.72 -6.74 6.05
C HIS A 70 16.78 -7.80 5.77
N PRO A 71 17.15 -8.58 6.80
CA PRO A 71 18.15 -9.64 6.68
C PRO A 71 17.91 -10.51 5.46
N VAL A 72 16.64 -10.66 5.08
CA VAL A 72 16.27 -11.53 3.97
C VAL A 72 16.87 -11.08 2.63
N LEU A 73 17.32 -9.83 2.56
CA LEU A 73 17.89 -9.32 1.32
C LEU A 73 19.41 -9.25 1.36
N LYS A 74 20.02 -9.74 2.43
CA LYS A 74 21.46 -9.61 2.60
C LYS A 74 22.15 -10.85 3.16
N GLU A 75 23.47 -10.87 3.01
CA GLU A 75 24.31 -11.98 3.44
C GLU A 75 24.07 -12.37 4.89
N LEU A 76 24.23 -13.66 5.19
CA LEU A 76 24.07 -14.16 6.55
C LEU A 76 25.27 -15.02 6.93
N ASP A 77 26.35 -14.37 7.37
CA ASP A 77 27.52 -15.09 7.82
C ASP A 77 27.24 -15.76 9.15
N THR A 78 27.25 -17.08 9.15
CA THR A 78 26.86 -17.84 10.33
C THR A 78 27.83 -19.00 10.57
N PRO A 79 27.98 -19.42 11.84
CA PRO A 79 28.81 -20.56 12.20
C PRO A 79 28.38 -21.83 11.44
N PRO A 80 29.33 -22.75 11.21
CA PRO A 80 29.08 -23.97 10.43
C PRO A 80 27.98 -24.83 11.04
N ASN A 81 28.03 -25.05 12.34
CA ASN A 81 27.00 -25.85 13.02
C ASN A 81 25.64 -25.19 12.94
N VAL A 82 25.62 -23.87 12.94
CA VAL A 82 24.37 -23.12 12.83
C VAL A 82 23.77 -23.27 11.44
N GLU A 83 24.58 -23.05 10.41
CA GLU A 83 24.11 -23.25 9.04
C GLU A 83 23.61 -24.68 8.84
N LYS A 84 24.40 -25.65 9.33
CA LYS A 84 24.02 -27.06 9.22
C LYS A 84 22.64 -27.31 9.82
N ALA A 85 22.42 -26.80 11.04
CA ALA A 85 21.15 -26.96 11.71
C ALA A 85 20.02 -26.27 10.95
N LEU A 86 20.29 -25.06 10.48
CA LEU A 86 19.27 -24.28 9.77
C LEU A 86 18.81 -24.97 8.49
N ARG A 87 19.75 -25.62 7.79
CA ARG A 87 19.41 -26.33 6.56
C ARG A 87 18.52 -27.54 6.81
N LEU A 88 18.78 -28.24 7.91
CA LEU A 88 17.91 -29.32 8.34
C LEU A 88 16.52 -28.80 8.73
N PHE A 89 16.49 -27.63 9.35
CA PHE A 89 15.21 -26.97 9.68
C PHE A 89 14.46 -26.60 8.40
N GLY A 90 15.19 -26.04 7.43
CA GLY A 90 14.60 -25.69 6.16
C GLY A 90 13.91 -26.87 5.49
N GLN A 91 14.49 -28.06 5.68
CA GLN A 91 13.93 -29.26 5.07
C GLN A 91 12.71 -29.76 5.85
N LEU A 92 12.66 -29.48 7.14
CA LEU A 92 11.46 -29.76 7.92
C LEU A 92 10.27 -28.93 7.42
N LEU A 93 10.57 -27.72 6.95
CA LEU A 93 9.51 -26.86 6.42
C LEU A 93 8.90 -27.48 5.16
N HIS A 94 9.67 -28.32 4.48
CA HIS A 94 9.19 -29.01 3.28
C HIS A 94 8.41 -30.27 3.64
N SER A 95 8.27 -30.52 4.94
CA SER A 95 7.40 -31.59 5.41
C SER A 95 6.02 -31.00 5.71
N ARG A 96 5.02 -31.49 4.99
CA ARG A 96 3.65 -31.01 5.12
C ARG A 96 3.18 -31.15 6.56
N ALA A 97 3.39 -32.34 7.12
CA ALA A 97 3.00 -32.63 8.48
C ALA A 97 3.70 -31.71 9.47
N PHE A 98 5.00 -31.49 9.29
CA PHE A 98 5.71 -30.60 10.19
C PHE A 98 5.16 -29.18 10.15
N LEU A 99 5.07 -28.62 8.94
CA LEU A 99 4.69 -27.22 8.78
C LEU A 99 3.27 -26.97 9.29
N LEU A 100 2.36 -27.88 8.97
CA LEU A 100 0.99 -27.79 9.49
C LEU A 100 1.03 -27.78 11.03
N THR A 101 1.75 -28.72 11.62
CA THR A 101 1.81 -28.83 13.07
C THR A 101 2.50 -27.60 13.70
N PHE A 102 3.61 -27.19 13.12
CA PHE A 102 4.37 -26.03 13.55
C PHE A 102 3.46 -24.80 13.64
N ILE A 103 2.77 -24.49 12.54
CA ILE A 103 1.92 -23.32 12.50
C ILE A 103 0.73 -23.42 13.46
N HIS A 104 0.07 -24.57 13.48
CA HIS A 104 -1.09 -24.73 14.36
C HIS A 104 -0.71 -24.63 15.84
N THR A 105 0.49 -25.11 16.17
CA THR A 105 0.98 -25.04 17.53
C THR A 105 1.23 -23.60 17.95
N LEU A 106 1.94 -22.86 17.11
CA LEU A 106 2.23 -21.45 17.37
C LEU A 106 0.95 -20.68 17.62
N GLU A 107 -0.04 -20.89 16.76
CA GLU A 107 -1.29 -20.12 16.83
C GLU A 107 -2.11 -20.47 18.08
N ALA A 108 -1.89 -21.66 18.63
CA ALA A 108 -2.59 -22.08 19.83
C ALA A 108 -2.00 -21.43 21.08
N GLN A 109 -0.90 -20.71 20.92
CA GLN A 109 -0.23 -20.06 22.03
C GLN A 109 -0.73 -18.61 22.20
N SER A 110 -1.09 -18.25 23.43
CA SER A 110 -1.62 -16.91 23.69
C SER A 110 -0.56 -15.82 23.56
N SER A 111 0.69 -16.18 23.82
CA SER A 111 1.80 -15.23 23.70
C SER A 111 2.18 -14.97 22.24
N PHE A 112 1.63 -15.78 21.34
CA PHE A 112 1.86 -15.63 19.91
C PHE A 112 0.95 -14.53 19.36
N SER A 113 1.52 -13.35 19.12
CA SER A 113 0.73 -12.16 18.81
C SER A 113 0.33 -12.04 17.33
N MET A 114 -0.52 -11.07 17.04
CA MET A 114 -0.89 -10.79 15.66
C MET A 114 0.34 -10.40 14.86
N ARG A 115 1.24 -9.67 15.50
CA ARG A 115 2.51 -9.28 14.90
C ARG A 115 3.30 -10.54 14.54
N ASP A 116 3.37 -11.47 15.47
CA ASP A 116 4.10 -12.73 15.25
C ASP A 116 3.50 -13.51 14.09
N ARG A 117 2.18 -13.57 14.05
CA ARG A 117 1.48 -14.27 12.99
C ARG A 117 1.92 -13.78 11.62
N GLY A 118 2.05 -12.46 11.48
CA GLY A 118 2.48 -11.85 10.23
C GLY A 118 3.95 -12.14 9.94
N THR A 119 4.76 -12.11 10.99
CA THR A 119 6.19 -12.38 10.85
C THR A 119 6.44 -13.80 10.37
N VAL A 120 5.75 -14.76 10.97
CA VAL A 120 5.88 -16.15 10.60
C VAL A 120 5.35 -16.38 9.18
N ALA A 121 4.23 -15.75 8.88
CA ALA A 121 3.65 -15.86 7.54
C ALA A 121 4.60 -15.35 6.47
N SER A 122 5.25 -14.22 6.73
CA SER A 122 6.17 -13.64 5.77
C SER A 122 7.47 -14.44 5.62
N LEU A 123 8.03 -14.86 6.75
CA LEU A 123 9.28 -15.63 6.74
C LEU A 123 9.09 -16.98 6.06
N THR A 124 7.95 -17.61 6.33
CA THR A 124 7.65 -18.90 5.75
C THR A 124 7.51 -18.83 4.24
N MET A 125 6.81 -17.80 3.73
CA MET A 125 6.60 -17.68 2.29
C MET A 125 7.89 -17.34 1.56
N VAL A 126 8.75 -16.56 2.22
CA VAL A 126 10.07 -16.28 1.68
C VAL A 126 10.89 -17.58 1.60
N ALA A 127 10.85 -18.36 2.67
CA ALA A 127 11.59 -19.62 2.72
C ALA A 127 11.10 -20.62 1.68
N LEU A 128 9.83 -20.50 1.28
CA LEU A 128 9.24 -21.42 0.32
C LEU A 128 9.13 -20.84 -1.08
N GLN A 129 9.66 -19.64 -1.27
CA GLN A 129 9.59 -18.96 -2.57
C GLN A 129 10.16 -19.81 -3.71
N SER A 130 11.15 -20.64 -3.40
CA SER A 130 11.77 -21.48 -4.44
C SER A 130 10.99 -22.76 -4.68
N ARG A 131 9.90 -22.96 -3.94
CA ARG A 131 9.09 -24.17 -4.09
C ARG A 131 7.61 -23.85 -3.95
N LEU A 132 7.13 -22.96 -4.81
CA LEU A 132 5.76 -22.47 -4.70
C LEU A 132 4.73 -23.54 -5.00
N ASP A 133 5.11 -24.57 -5.74
CA ASP A 133 4.15 -25.65 -5.97
C ASP A 133 3.82 -26.36 -4.66
N TYR A 134 4.85 -26.67 -3.90
CA TYR A 134 4.67 -27.24 -2.57
C TYR A 134 3.91 -26.27 -1.65
N ALA A 135 4.38 -25.02 -1.63
CA ALA A 135 3.77 -24.01 -0.76
C ALA A 135 2.27 -23.87 -0.98
N THR A 136 1.85 -23.95 -2.23
CA THR A 136 0.46 -23.73 -2.58
C THR A 136 -0.41 -24.87 -2.06
N GLY A 137 0.10 -26.09 -2.15
CA GLY A 137 -0.58 -27.23 -1.55
C GLY A 137 -0.76 -27.03 -0.06
N LEU A 138 0.30 -26.62 0.62
CA LEU A 138 0.23 -26.38 2.06
C LEU A 138 -0.71 -25.24 2.43
N LEU A 139 -0.68 -24.18 1.62
CA LEU A 139 -1.57 -23.03 1.86
C LEU A 139 -3.02 -23.45 1.80
N LYS A 140 -3.38 -24.24 0.78
CA LYS A 140 -4.77 -24.66 0.63
C LYS A 140 -5.20 -25.48 1.84
N GLN A 141 -4.29 -26.33 2.33
CA GLN A 141 -4.62 -27.15 3.50
C GLN A 141 -4.87 -26.25 4.72
N LEU A 142 -3.99 -25.28 4.92
CA LEU A 142 -4.13 -24.34 6.03
C LEU A 142 -5.45 -23.59 5.95
N LEU A 143 -5.80 -23.15 4.74
CA LEU A 143 -7.05 -22.42 4.55
C LEU A 143 -8.24 -23.33 4.79
N ALA A 144 -8.15 -24.56 4.28
CA ALA A 144 -9.21 -25.53 4.50
C ALA A 144 -9.36 -25.82 5.99
N ASP A 145 -8.23 -25.94 6.67
CA ASP A 145 -8.22 -26.19 8.11
C ASP A 145 -8.89 -25.04 8.85
N LEU A 146 -8.57 -23.82 8.46
CA LEU A 146 -9.14 -22.62 9.06
C LEU A 146 -10.64 -22.54 8.83
N ILE A 147 -11.07 -22.84 7.61
CA ILE A 147 -12.48 -22.77 7.25
C ILE A 147 -13.28 -23.84 7.97
N GLU A 148 -12.76 -25.07 7.99
CA GLU A 148 -13.40 -26.16 8.70
C GLU A 148 -13.58 -25.82 10.17
N LYS A 149 -12.48 -25.44 10.82
CA LYS A 149 -12.51 -25.09 12.24
C LYS A 149 -13.57 -24.05 12.57
N ASN A 150 -13.62 -22.97 11.78
CA ASN A 150 -14.54 -21.87 12.03
C ASN A 150 -16.00 -22.24 11.78
N LEU A 151 -16.25 -22.98 10.71
CA LEU A 151 -17.60 -23.39 10.37
C LEU A 151 -18.14 -24.43 11.37
N GLU A 152 -17.23 -25.11 12.06
CA GLU A 152 -17.63 -26.09 13.07
C GLU A 152 -17.57 -25.52 14.49
N SER A 153 -16.79 -24.47 14.70
CA SER A 153 -16.96 -23.64 15.88
C SER A 153 -18.33 -23.00 15.69
N LYS A 154 -18.86 -23.18 14.48
CA LYS A 154 -20.21 -22.76 14.13
C LYS A 154 -20.34 -21.23 14.13
N ASN A 155 -19.31 -20.57 13.60
CA ASN A 155 -19.31 -19.12 13.50
C ASN A 155 -19.97 -18.67 12.20
N HIS A 156 -20.28 -17.37 12.12
CA HIS A 156 -20.90 -16.82 10.92
C HIS A 156 -20.02 -17.05 9.69
N PRO A 157 -20.61 -17.59 8.61
CA PRO A 157 -19.90 -17.81 7.36
C PRO A 157 -19.22 -16.54 6.85
N LYS A 158 -20.01 -15.48 6.66
CA LYS A 158 -19.50 -14.21 6.15
C LYS A 158 -18.40 -13.64 7.06
N LEU A 159 -18.48 -13.96 8.35
CA LEU A 159 -17.52 -13.47 9.33
C LEU A 159 -16.19 -14.21 9.23
N LEU A 160 -16.05 -15.05 8.21
CA LEU A 160 -14.84 -15.83 8.02
C LEU A 160 -13.80 -15.08 7.21
N LEU A 161 -12.53 -15.37 7.47
CA LEU A 161 -11.43 -14.73 6.73
C LEU A 161 -11.41 -13.23 6.94
N ARG A 162 -12.20 -12.74 7.88
CA ARG A 162 -12.24 -11.31 8.19
C ARG A 162 -11.38 -11.01 9.41
N ARG A 163 -11.90 -11.36 10.58
CA ARG A 163 -11.23 -11.03 11.84
C ARG A 163 -10.30 -12.14 12.34
N THR A 164 -10.45 -13.34 11.79
CA THR A 164 -9.61 -14.47 12.19
C THR A 164 -8.12 -14.11 12.22
N GLU A 165 -7.69 -13.33 11.23
CA GLU A 165 -6.32 -12.83 11.17
C GLU A 165 -5.30 -13.95 11.34
N SER A 166 -5.61 -15.12 10.81
CA SER A 166 -4.76 -16.29 10.94
C SER A 166 -3.44 -16.18 10.17
N VAL A 167 -2.51 -17.07 10.49
CA VAL A 167 -1.26 -17.20 9.73
C VAL A 167 -1.59 -17.54 8.28
N ALA A 168 -2.56 -18.43 8.10
CA ALA A 168 -2.97 -18.85 6.77
C ALA A 168 -3.43 -17.68 5.89
N GLU A 169 -4.23 -16.78 6.45
CA GLU A 169 -4.74 -15.63 5.69
C GLU A 169 -3.62 -14.68 5.30
N LYS A 170 -2.67 -14.51 6.20
CA LYS A 170 -1.51 -13.66 5.95
C LYS A 170 -0.59 -14.28 4.90
N MET A 171 -0.41 -15.60 4.98
CA MET A 171 0.32 -16.33 3.93
C MET A 171 -0.38 -16.21 2.57
N LEU A 172 -1.71 -16.23 2.58
CA LEU A 172 -2.47 -16.06 1.34
C LEU A 172 -2.21 -14.68 0.72
N THR A 173 -2.16 -13.66 1.56
CA THR A 173 -1.84 -12.32 1.10
C THR A 173 -0.45 -12.28 0.51
N ASN A 174 0.51 -12.92 1.17
CA ASN A 174 1.87 -12.98 0.66
C ASN A 174 1.96 -13.78 -0.65
N TRP A 175 1.12 -14.80 -0.74
CA TRP A 175 1.01 -15.63 -1.94
C TRP A 175 0.53 -14.78 -3.11
N PHE A 176 -0.54 -14.03 -2.89
CA PHE A 176 -1.01 -13.07 -3.89
C PHE A 176 0.07 -12.06 -4.22
N THR A 177 0.80 -11.61 -3.21
CA THR A 177 1.85 -10.61 -3.41
C THR A 177 2.92 -11.12 -4.38
N PHE A 178 3.40 -12.34 -4.14
CA PHE A 178 4.35 -12.98 -5.05
C PHE A 178 3.81 -13.09 -6.48
N LEU A 179 2.57 -13.53 -6.59
CA LEU A 179 2.05 -13.98 -7.88
C LEU A 179 1.32 -12.90 -8.68
N LEU A 180 1.11 -11.75 -8.06
CA LEU A 180 0.45 -10.66 -8.78
C LEU A 180 1.40 -9.55 -9.22
N HIS A 181 2.70 -9.76 -9.02
CA HIS A 181 3.66 -8.74 -9.43
C HIS A 181 3.63 -8.52 -10.93
N LYS A 182 3.51 -9.60 -11.70
CA LYS A 182 3.40 -9.48 -13.15
C LYS A 182 2.19 -8.64 -13.55
N PHE A 183 1.09 -8.83 -12.84
CA PHE A 183 -0.14 -8.10 -13.15
C PHE A 183 0.05 -6.60 -12.89
N LEU A 184 0.80 -6.28 -11.84
CA LEU A 184 1.14 -4.89 -11.54
C LEU A 184 1.99 -4.31 -12.66
N LYS A 185 3.06 -5.01 -13.01
CA LYS A 185 3.94 -4.61 -14.10
C LYS A 185 3.20 -4.37 -15.40
N GLU A 186 2.29 -5.28 -15.74
CA GLU A 186 1.63 -5.25 -17.04
C GLU A 186 0.35 -4.44 -17.11
N CYS A 187 -0.42 -4.41 -16.03
CA CYS A 187 -1.76 -3.83 -16.08
C CYS A 187 -2.06 -2.75 -15.03
N ALA A 188 -1.99 -3.14 -13.76
CA ALA A 188 -2.54 -2.30 -12.68
C ALA A 188 -1.55 -1.29 -12.13
N GLY A 189 -0.26 -1.50 -12.40
CA GLY A 189 0.77 -0.63 -11.88
C GLY A 189 0.66 0.78 -12.43
N GLU A 190 0.36 0.87 -13.73
CA GLU A 190 0.25 2.17 -14.39
C GLU A 190 -0.83 3.08 -13.80
N PRO A 191 -2.10 2.60 -13.75
CA PRO A 191 -3.13 3.45 -13.16
C PRO A 191 -2.88 3.75 -11.68
N LEU A 192 -2.26 2.82 -10.96
CA LEU A 192 -1.88 3.06 -9.56
C LEU A 192 -0.89 4.21 -9.48
N PHE A 193 0.14 4.15 -10.31
CA PHE A 193 1.18 5.17 -10.32
C PHE A 193 0.63 6.52 -10.77
N LEU A 194 -0.31 6.49 -11.71
CA LEU A 194 -0.88 7.73 -12.24
C LEU A 194 -1.77 8.39 -11.20
N LEU A 195 -2.46 7.58 -10.41
CA LEU A 195 -3.30 8.12 -9.34
C LEU A 195 -2.42 8.78 -8.30
N TYR A 196 -1.30 8.13 -7.98
CA TYR A 196 -0.32 8.71 -7.07
C TYR A 196 0.15 10.07 -7.59
N CYS A 197 0.57 10.12 -8.84
CA CYS A 197 1.02 11.37 -9.46
C CYS A 197 -0.05 12.44 -9.50
N ALA A 198 -1.28 12.03 -9.80
CA ALA A 198 -2.38 12.98 -9.87
C ALA A 198 -2.65 13.60 -8.51
N ILE A 199 -2.75 12.75 -7.50
CA ILE A 199 -2.96 13.21 -6.13
C ILE A 199 -1.84 14.14 -5.69
N LYS A 200 -0.59 13.68 -5.85
CA LYS A 200 0.56 14.48 -5.46
C LYS A 200 0.55 15.85 -6.15
N GLN A 201 0.35 15.84 -7.46
CA GLN A 201 0.38 17.05 -8.26
C GLN A 201 -0.73 18.01 -7.86
N GLN A 202 -1.95 17.49 -7.73
CA GLN A 202 -3.08 18.30 -7.36
C GLN A 202 -2.88 18.98 -6.02
N MET A 203 -2.32 18.24 -5.06
CA MET A 203 -2.10 18.82 -3.74
C MET A 203 -1.13 19.99 -3.83
N GLU A 204 -0.11 19.84 -4.66
CA GLU A 204 0.94 20.86 -4.77
C GLU A 204 0.48 22.11 -5.54
N LYS A 205 -0.77 22.06 -6.02
CA LYS A 205 -1.34 23.19 -6.75
C LYS A 205 -1.70 24.29 -5.76
N GLY A 206 -1.79 23.90 -4.49
CA GLY A 206 -2.20 24.82 -3.44
C GLY A 206 -1.32 24.68 -2.23
N PRO A 207 -1.55 25.52 -1.22
CA PRO A 207 -0.77 25.50 0.03
C PRO A 207 -0.80 24.14 0.73
N ILE A 208 0.37 23.74 1.22
CA ILE A 208 0.51 22.52 2.02
C ILE A 208 1.27 22.92 3.28
N ASP A 209 0.69 22.68 4.45
CA ASP A 209 1.34 23.08 5.69
C ASP A 209 2.42 22.07 6.08
N ALA A 210 3.66 22.54 6.17
CA ALA A 210 4.80 21.66 6.45
C ALA A 210 4.77 21.06 7.86
N ILE A 211 3.95 21.64 8.74
CA ILE A 211 3.89 21.18 10.13
C ILE A 211 2.69 20.30 10.40
N THR A 212 1.51 20.73 9.97
CA THR A 212 0.26 20.02 10.25
C THR A 212 -0.10 19.01 9.18
N GLY A 213 0.49 19.16 7.99
CA GLY A 213 0.21 18.26 6.89
C GLY A 213 -1.13 18.55 6.24
N GLU A 214 -1.72 19.68 6.59
CA GLU A 214 -3.00 20.08 6.01
C GLU A 214 -2.78 20.71 4.63
N ALA A 215 -3.82 20.68 3.80
CA ALA A 215 -3.69 21.19 2.45
C ALA A 215 -4.96 21.85 1.94
N ARG A 216 -4.78 22.89 1.14
CA ARG A 216 -5.87 23.58 0.46
C ARG A 216 -6.76 22.60 -0.32
N TYR A 217 -6.13 21.73 -1.08
CA TYR A 217 -6.86 20.84 -1.98
C TYR A 217 -7.04 19.42 -1.46
N SER A 218 -6.92 19.24 -0.15
CA SER A 218 -7.05 17.92 0.45
C SER A 218 -8.34 17.22 0.02
N LEU A 219 -8.22 15.94 -0.33
CA LEU A 219 -9.37 15.10 -0.60
C LEU A 219 -9.91 14.60 0.73
N SER A 220 -9.09 14.73 1.76
CA SER A 220 -9.45 14.30 3.10
C SER A 220 -9.99 15.47 3.93
N GLU A 221 -11.21 15.33 4.43
CA GLU A 221 -11.82 16.35 5.28
C GLU A 221 -10.94 16.69 6.48
N ASP A 222 -10.29 15.68 7.05
CA ASP A 222 -9.48 15.84 8.25
C ASP A 222 -8.22 16.68 8.02
N LYS A 223 -7.71 16.67 6.79
CA LYS A 223 -6.52 17.44 6.47
C LYS A 223 -6.81 18.65 5.58
N LEU A 224 -8.09 19.03 5.51
CA LEU A 224 -8.50 20.18 4.72
C LEU A 224 -8.14 21.45 5.48
N ILE A 225 -7.31 22.31 4.88
CA ILE A 225 -7.03 23.61 5.48
C ILE A 225 -8.33 24.39 5.65
N ARG A 226 -8.58 24.84 6.87
CA ARG A 226 -9.84 25.51 7.20
C ARG A 226 -9.69 27.01 7.42
N GLN A 227 -8.64 27.60 6.87
CA GLN A 227 -8.39 29.02 7.04
C GLN A 227 -8.08 29.70 5.71
N GLN A 228 -8.23 31.02 5.69
CA GLN A 228 -7.94 31.81 4.50
C GLN A 228 -6.44 31.90 4.27
N ILE A 229 -5.98 31.40 3.14
CA ILE A 229 -4.56 31.48 2.79
C ILE A 229 -4.38 32.09 1.40
N ASP A 230 -3.96 33.35 1.39
CA ASP A 230 -3.61 34.01 0.12
C ASP A 230 -2.23 33.52 -0.30
N TYR A 231 -2.05 33.25 -1.58
CA TYR A 231 -0.78 32.76 -2.09
C TYR A 231 -0.67 33.01 -3.59
N LYS A 232 0.55 32.91 -4.12
CA LYS A 232 0.78 33.13 -5.54
C LYS A 232 1.67 32.05 -6.13
N THR A 233 1.43 31.72 -7.39
CA THR A 233 2.24 30.72 -8.08
C THR A 233 3.49 31.36 -8.69
N LEU A 234 4.65 30.91 -8.25
CA LEU A 234 5.92 31.45 -8.71
C LEU A 234 6.59 30.46 -9.65
N THR A 235 7.37 30.98 -10.60
CA THR A 235 8.22 30.13 -11.42
C THR A 235 9.69 30.39 -11.10
N LEU A 236 10.39 29.35 -10.68
CA LEU A 236 11.81 29.47 -10.40
C LEU A 236 12.60 28.81 -11.52
N HIS A 237 13.75 29.37 -11.86
CA HIS A 237 14.61 28.76 -12.87
C HIS A 237 15.82 28.17 -12.19
N CYS A 238 15.91 26.85 -12.20
CA CYS A 238 16.92 26.14 -11.44
C CYS A 238 18.11 25.72 -12.31
N VAL A 239 19.31 26.08 -11.85
CA VAL A 239 20.53 25.71 -12.56
C VAL A 239 20.69 24.20 -12.58
N CYS A 240 20.66 23.63 -13.78
CA CYS A 240 20.82 22.19 -13.94
C CYS A 240 22.19 21.73 -13.51
N PRO A 241 22.25 20.60 -12.78
CA PRO A 241 23.49 20.00 -12.29
C PRO A 241 24.35 19.46 -13.43
N GLU A 242 24.23 20.06 -14.61
CA GLU A 242 25.00 19.65 -15.77
C GLU A 242 25.92 20.77 -16.26
N SER A 243 25.35 21.70 -17.02
CA SER A 243 26.14 22.77 -17.64
C SER A 243 26.62 23.80 -16.62
N GLU A 244 25.99 23.83 -15.46
CA GLU A 244 26.37 24.76 -14.39
C GLU A 244 26.28 26.21 -14.86
N ALA A 247 23.00 25.42 -18.37
CA ALA A 247 21.67 24.82 -18.52
C ALA A 247 20.81 25.09 -17.29
N GLN A 248 19.51 25.28 -17.51
CA GLN A 248 18.59 25.57 -16.42
C GLN A 248 17.15 25.21 -16.78
N VAL A 249 16.36 24.88 -15.77
CA VAL A 249 14.97 24.47 -15.99
C VAL A 249 13.99 25.23 -15.11
N PRO A 250 12.75 25.41 -15.60
CA PRO A 250 11.69 26.11 -14.87
C PRO A 250 10.96 25.18 -13.91
N VAL A 251 10.66 25.66 -12.71
CA VAL A 251 9.88 24.90 -11.75
C VAL A 251 8.78 25.75 -11.13
N LYS A 252 7.56 25.26 -11.17
CA LYS A 252 6.44 25.95 -10.55
C LYS A 252 6.41 25.67 -9.04
N VAL A 253 6.36 26.73 -8.25
CA VAL A 253 6.26 26.62 -6.80
C VAL A 253 5.27 27.65 -6.29
N LEU A 254 4.95 27.60 -5.00
CA LEU A 254 4.10 28.62 -4.40
C LEU A 254 4.92 29.50 -3.45
N ASN A 255 4.56 30.77 -3.36
CA ASN A 255 5.26 31.69 -2.48
C ASN A 255 5.16 31.28 -1.02
N CYS A 256 4.08 30.60 -0.67
CA CYS A 256 3.84 30.16 0.70
C CYS A 256 4.62 28.89 1.04
N ASP A 257 5.16 28.22 0.03
CA ASP A 257 5.89 26.96 0.26
C ASP A 257 7.10 27.16 1.18
N SER A 258 7.24 26.29 2.18
CA SER A 258 8.45 26.27 2.99
C SER A 258 9.65 25.96 2.10
N ILE A 259 10.85 26.29 2.55
CA ILE A 259 12.05 26.09 1.74
C ILE A 259 12.28 24.62 1.40
N THR A 260 11.98 23.73 2.35
CA THR A 260 12.12 22.29 2.09
C THR A 260 11.16 21.85 0.99
N GLN A 261 9.92 22.34 1.07
CA GLN A 261 8.93 22.02 0.05
C GLN A 261 9.38 22.53 -1.31
N ALA A 262 9.98 23.71 -1.31
CA ALA A 262 10.52 24.29 -2.54
C ALA A 262 11.63 23.42 -3.08
N LYS A 263 12.53 23.01 -2.21
CA LYS A 263 13.65 22.15 -2.60
C LYS A 263 13.14 20.83 -3.17
N ASP A 264 12.13 20.26 -2.53
CA ASP A 264 11.56 19.00 -2.99
C ASP A 264 10.87 19.15 -4.34
N LYS A 265 10.20 20.28 -4.56
CA LYS A 265 9.59 20.55 -5.85
C LYS A 265 10.67 20.69 -6.93
N LEU A 266 11.75 21.38 -6.58
CA LEU A 266 12.87 21.57 -7.50
C LEU A 266 13.48 20.23 -7.88
N LEU A 267 13.75 19.41 -6.87
CA LEU A 267 14.32 18.09 -7.07
C LEU A 267 13.45 17.24 -8.01
N ASP A 268 12.15 17.25 -7.75
CA ASP A 268 11.23 16.45 -8.54
C ASP A 268 11.33 16.77 -10.03
N THR A 269 11.49 18.05 -10.35
CA THR A 269 11.59 18.48 -11.73
C THR A 269 13.00 18.28 -12.29
N VAL A 270 13.99 18.81 -11.58
CA VAL A 270 15.37 18.72 -12.03
C VAL A 270 15.85 17.27 -12.21
N TYR A 271 15.27 16.36 -11.44
CA TYR A 271 15.65 14.95 -11.54
C TYR A 271 14.49 14.09 -12.01
N LYS A 272 13.59 14.68 -12.80
CA LYS A 272 12.34 14.02 -13.18
C LYS A 272 12.54 12.63 -13.78
N GLY A 273 13.67 12.42 -14.46
CA GLY A 273 13.93 11.14 -15.09
C GLY A 273 14.37 10.06 -14.11
N ILE A 274 15.10 10.47 -13.09
CA ILE A 274 15.71 9.55 -12.14
C ILE A 274 14.74 9.06 -11.05
N PRO A 275 14.79 7.76 -10.74
CA PRO A 275 14.00 7.18 -9.64
C PRO A 275 14.34 7.86 -8.32
N TYR A 276 13.37 7.92 -7.41
CA TYR A 276 13.52 8.72 -6.20
C TYR A 276 14.78 8.40 -5.38
N SER A 277 14.98 7.12 -5.05
CA SER A 277 16.07 6.73 -4.16
C SER A 277 17.43 7.09 -4.72
N GLN A 278 17.48 7.43 -6.00
CA GLN A 278 18.74 7.77 -6.65
C GLN A 278 19.06 9.26 -6.63
N ARG A 279 18.09 10.07 -6.20
CA ARG A 279 18.27 11.52 -6.12
C ARG A 279 18.87 11.93 -4.78
N PRO A 280 19.50 13.11 -4.74
CA PRO A 280 19.94 13.71 -3.48
C PRO A 280 18.74 14.06 -2.61
N LYS A 281 18.94 14.17 -1.30
CA LYS A 281 17.88 14.53 -0.38
C LYS A 281 17.79 16.04 -0.21
N ALA A 282 16.58 16.55 -0.09
CA ALA A 282 16.38 17.98 0.13
C ALA A 282 17.23 18.47 1.28
N GLU A 283 17.30 17.67 2.35
CA GLU A 283 18.02 18.07 3.56
C GLU A 283 19.54 17.98 3.39
N ASP A 284 19.99 17.42 2.28
CA ASP A 284 21.42 17.35 1.97
C ASP A 284 21.80 18.41 0.94
N MET A 285 20.83 19.23 0.57
CA MET A 285 21.06 20.33 -0.34
C MET A 285 20.77 21.66 0.36
N ASP A 286 21.39 22.72 -0.13
CA ASP A 286 21.03 24.06 0.26
C ASP A 286 20.46 24.79 -0.95
N LEU A 287 19.30 25.41 -0.78
CA LEU A 287 18.72 26.21 -1.83
C LEU A 287 19.46 27.54 -1.86
N GLU A 288 20.10 27.85 -2.97
CA GLU A 288 20.80 29.12 -3.08
C GLU A 288 20.11 30.02 -4.11
N TRP A 289 19.90 31.27 -3.72
CA TRP A 289 19.20 32.23 -4.56
C TRP A 289 20.20 33.10 -5.31
N ARG A 290 20.29 32.91 -6.62
CA ARG A 290 21.26 33.64 -7.42
C ARG A 290 20.67 34.92 -8.01
N GLN A 291 20.78 35.99 -7.24
CA GLN A 291 20.44 37.33 -7.70
C GLN A 291 21.73 38.01 -8.13
N GLY A 292 22.74 37.20 -8.44
CA GLY A 292 24.08 37.68 -8.68
C GLY A 292 24.44 37.98 -10.11
N ARG A 293 25.66 37.63 -10.53
CA ARG A 293 26.63 36.96 -9.65
C ARG A 293 27.03 37.83 -8.45
N MET A 294 26.51 39.04 -8.43
CA MET A 294 26.68 39.93 -7.28
C MET A 294 26.45 39.17 -5.97
N ALA A 295 25.27 38.58 -5.82
CA ALA A 295 24.92 37.91 -4.57
C ALA A 295 24.34 36.51 -4.77
N ARG A 296 24.91 35.54 -4.08
CA ARG A 296 24.35 34.19 -4.01
C ARG A 296 24.02 33.91 -2.55
N ILE A 297 22.74 33.99 -2.21
CA ILE A 297 22.32 33.85 -0.82
C ILE A 297 21.50 32.57 -0.62
N ILE A 298 21.81 31.84 0.44
CA ILE A 298 21.19 30.53 0.66
C ILE A 298 19.98 30.59 1.60
N LEU A 299 18.93 29.86 1.24
CA LEU A 299 17.68 29.87 1.98
C LEU A 299 17.48 28.55 2.71
N GLN A 300 16.92 28.61 3.93
CA GLN A 300 16.62 27.41 4.70
C GLN A 300 15.29 27.59 5.42
N ASP A 301 14.74 26.50 5.94
CA ASP A 301 13.54 26.55 6.76
C ASP A 301 13.80 27.41 7.98
N GLU A 302 15.00 27.32 8.52
CA GLU A 302 15.34 28.06 9.73
C GLU A 302 16.74 28.65 9.70
N ASP A 303 16.81 29.98 9.85
CA ASP A 303 18.09 30.66 10.02
C ASP A 303 17.94 31.85 10.95
N ILE A 304 18.92 32.74 10.95
CA ILE A 304 18.88 33.89 11.85
C ILE A 304 17.69 34.79 11.58
N THR A 305 17.14 34.72 10.37
CA THR A 305 16.03 35.59 9.99
C THR A 305 14.65 35.05 10.34
N THR A 306 14.56 33.81 10.81
CA THR A 306 13.25 33.23 11.06
C THR A 306 12.49 34.06 12.07
N LYS A 307 11.19 34.21 11.83
CA LYS A 307 10.36 35.04 12.70
C LYS A 307 9.90 34.28 13.93
N ILE A 308 10.14 34.88 15.09
CA ILE A 308 9.71 34.32 16.36
C ILE A 308 8.85 35.35 17.06
N GLU A 309 7.66 34.94 17.49
CA GLU A 309 6.77 35.83 18.22
C GLU A 309 6.09 35.09 19.37
N CYS A 310 6.30 35.58 20.59
CA CYS A 310 5.69 34.99 21.78
C CYS A 310 5.67 33.46 21.74
N ASP A 311 6.86 32.87 21.66
CA ASP A 311 7.00 31.42 21.73
C ASP A 311 6.55 30.68 20.49
N TRP A 312 6.11 31.41 19.47
CA TRP A 312 5.83 30.80 18.18
C TRP A 312 7.01 31.04 17.24
N LYS A 313 7.39 29.99 16.51
CA LYS A 313 8.47 30.10 15.53
C LYS A 313 7.95 29.64 14.17
N ARG A 314 8.01 30.52 13.18
CA ARG A 314 7.47 30.22 11.86
C ARG A 314 8.53 29.64 10.93
N VAL A 315 8.16 28.58 10.21
CA VAL A 315 9.03 28.02 9.19
C VAL A 315 9.18 29.03 8.06
N ASN A 316 10.41 29.26 7.63
CA ASN A 316 10.67 30.19 6.53
C ASN A 316 10.10 29.71 5.20
N SER A 317 9.36 30.60 4.54
CA SER A 317 8.83 30.31 3.21
C SER A 317 9.62 31.09 2.16
N LEU A 318 9.29 30.88 0.89
CA LEU A 318 9.89 31.66 -0.19
C LEU A 318 9.49 33.13 -0.06
N ALA A 319 8.28 33.38 0.42
CA ALA A 319 7.77 34.74 0.58
C ALA A 319 8.48 35.44 1.72
N HIS A 320 8.92 34.66 2.70
CA HIS A 320 9.70 35.18 3.82
C HIS A 320 10.96 35.86 3.32
N TYR A 321 11.57 35.29 2.28
CA TYR A 321 12.77 35.85 1.68
C TYR A 321 12.44 36.79 0.53
N GLN A 322 11.15 37.02 0.30
CA GLN A 322 10.71 37.92 -0.77
C GLN A 322 11.18 37.44 -2.13
N VAL A 323 11.36 36.13 -2.27
CA VAL A 323 11.76 35.56 -3.56
C VAL A 323 10.77 35.95 -4.64
N THR A 324 11.28 36.43 -5.77
CA THR A 324 10.42 36.96 -6.82
C THR A 324 10.26 36.00 -7.98
N ASP A 325 9.10 36.05 -8.63
CA ASP A 325 8.82 35.22 -9.79
C ASP A 325 9.94 35.36 -10.82
N GLY A 326 10.37 34.25 -11.39
CA GLY A 326 11.41 34.26 -12.40
C GLY A 326 12.82 34.24 -11.84
N SER A 327 12.93 34.25 -10.52
CA SER A 327 14.23 34.22 -9.85
C SER A 327 15.08 33.04 -10.27
N LEU A 328 16.39 33.27 -10.39
CA LEU A 328 17.34 32.20 -10.68
C LEU A 328 17.72 31.51 -9.38
N VAL A 329 17.88 30.20 -9.45
CA VAL A 329 18.07 29.39 -8.26
C VAL A 329 18.92 28.17 -8.55
N ALA A 330 19.60 27.67 -7.52
CA ALA A 330 20.41 26.47 -7.69
C ALA A 330 20.36 25.59 -6.44
N LEU A 331 20.45 24.28 -6.65
CA LEU A 331 20.58 23.33 -5.55
C LEU A 331 22.04 22.95 -5.39
N VAL A 332 22.59 23.23 -4.21
CA VAL A 332 23.99 22.94 -3.94
C VAL A 332 24.15 22.14 -2.66
N PRO A 333 25.03 21.12 -2.68
CA PRO A 333 25.33 20.35 -1.47
C PRO A 333 25.65 21.29 -0.30
N LYS A 334 25.10 21.00 0.87
CA LYS A 334 25.35 21.81 2.06
C LYS A 334 26.83 21.90 2.40
N GLY A 381 10.08 24.40 24.51
CA GLY A 381 9.05 25.32 24.93
C GLY A 381 8.59 26.27 23.83
N THR A 382 9.08 26.02 22.62
CA THR A 382 8.70 26.83 21.47
C THR A 382 7.83 26.04 20.49
N LYS A 383 6.85 26.71 19.91
CA LYS A 383 5.92 26.07 18.98
C LYS A 383 6.18 26.53 17.56
N LEU A 384 6.35 25.59 16.64
CA LEU A 384 6.55 25.95 15.24
C LEU A 384 5.26 25.87 14.42
N TRP A 385 5.18 26.73 13.41
CA TRP A 385 4.03 26.78 12.54
C TRP A 385 4.48 27.22 11.17
N HIS A 386 3.63 27.03 10.17
CA HIS A 386 3.99 27.34 8.80
C HIS A 386 2.92 28.23 8.18
N LEU A 387 1.76 27.66 7.89
CA LEU A 387 0.65 28.41 7.30
C LEU A 387 -0.49 28.58 8.30
N VAL A 388 -0.69 27.56 9.12
CA VAL A 388 -1.79 27.54 10.09
C VAL A 388 -1.27 27.64 11.52
N ARG A 389 -1.79 28.59 12.28
CA ARG A 389 -1.42 28.75 13.69
C ARG A 389 -2.63 28.54 14.59
N ASN A 390 -2.60 27.47 15.38
CA ASN A 390 -3.70 27.17 16.29
C ASN A 390 -3.35 27.39 17.77
N HIS A 391 -3.92 28.44 18.35
CA HIS A 391 -3.66 28.77 19.75
C HIS A 391 -4.26 27.74 20.70
N VAL A 406 -19.27 19.66 7.88
CA VAL A 406 -18.48 20.86 7.59
C VAL A 406 -19.30 21.86 6.78
N SER A 407 -18.88 23.12 6.81
CA SER A 407 -19.58 24.17 6.08
C SER A 407 -19.58 23.90 4.58
N GLU A 408 -20.53 24.51 3.87
CA GLU A 408 -20.66 24.32 2.44
C GLU A 408 -19.38 24.67 1.69
N ILE A 409 -18.74 25.76 2.07
CA ILE A 409 -17.56 26.23 1.34
C ILE A 409 -16.48 25.14 1.28
N TYR A 410 -16.28 24.45 2.40
CA TYR A 410 -15.29 23.36 2.44
C TYR A 410 -15.78 22.06 1.81
N LEU A 411 -17.06 21.75 1.97
CA LEU A 411 -17.62 20.57 1.32
C LEU A 411 -17.46 20.67 -0.21
N THR A 412 -17.68 21.87 -0.75
CA THR A 412 -17.51 22.08 -2.18
C THR A 412 -16.05 21.99 -2.61
N ARG A 413 -15.12 22.39 -1.74
CA ARG A 413 -13.71 22.25 -2.04
C ARG A 413 -13.30 20.77 -2.14
N LEU A 414 -13.72 19.96 -1.18
CA LEU A 414 -13.47 18.52 -1.23
C LEU A 414 -14.03 17.96 -2.52
N LEU A 415 -15.23 18.41 -2.87
CA LEU A 415 -15.92 17.92 -4.05
C LEU A 415 -15.18 18.29 -5.35
N ALA A 416 -14.59 19.47 -5.38
CA ALA A 416 -13.80 19.89 -6.54
C ALA A 416 -12.58 18.99 -6.71
N THR A 417 -11.92 18.67 -5.61
CA THR A 417 -10.78 17.76 -5.64
C THR A 417 -11.23 16.36 -6.05
N LYS A 418 -12.26 15.87 -5.39
CA LYS A 418 -12.84 14.59 -5.73
C LYS A 418 -13.18 14.50 -7.22
N GLY A 419 -13.87 15.51 -7.73
CA GLY A 419 -14.25 15.54 -9.14
C GLY A 419 -13.06 15.60 -10.08
N THR A 420 -12.03 16.33 -9.68
CA THR A 420 -10.84 16.47 -10.49
C THR A 420 -10.05 15.15 -10.59
N LEU A 421 -10.06 14.38 -9.51
CA LEU A 421 -9.32 13.12 -9.47
C LEU A 421 -10.13 11.91 -9.92
N GLN A 422 -11.43 12.11 -10.10
CA GLN A 422 -12.35 11.00 -10.35
C GLN A 422 -11.90 10.01 -11.41
N LYS A 423 -11.48 10.52 -12.57
CA LYS A 423 -11.10 9.66 -13.68
C LYS A 423 -9.93 8.73 -13.33
N PHE A 424 -8.98 9.25 -12.57
CA PHE A 424 -7.81 8.46 -12.16
C PHE A 424 -8.21 7.32 -11.22
N VAL A 425 -9.23 7.58 -10.41
CA VAL A 425 -9.74 6.59 -9.47
C VAL A 425 -10.51 5.51 -10.23
N ASP A 426 -11.35 5.96 -11.17
CA ASP A 426 -12.12 5.06 -12.01
C ASP A 426 -11.21 4.11 -12.78
N ASP A 427 -10.12 4.65 -13.34
CA ASP A 427 -9.18 3.84 -14.11
C ASP A 427 -8.57 2.74 -13.26
N LEU A 428 -8.14 3.10 -12.06
CA LEU A 428 -7.52 2.12 -11.17
C LEU A 428 -8.52 1.01 -10.82
N PHE A 429 -9.67 1.39 -10.26
CA PHE A 429 -10.67 0.41 -9.83
C PHE A 429 -11.09 -0.49 -10.98
N GLU A 430 -11.29 0.09 -12.15
CA GLU A 430 -11.69 -0.69 -13.32
C GLU A 430 -10.67 -1.78 -13.72
N THR A 431 -9.38 -1.45 -13.68
CA THR A 431 -8.39 -2.44 -14.09
C THR A 431 -8.16 -3.48 -12.99
N VAL A 432 -8.21 -3.07 -11.73
CA VAL A 432 -8.15 -4.02 -10.61
C VAL A 432 -9.25 -5.07 -10.76
N PHE A 433 -10.43 -4.64 -11.20
CA PHE A 433 -11.57 -5.55 -11.32
C PHE A 433 -11.86 -5.93 -12.76
N SER A 434 -10.79 -6.06 -13.56
CA SER A 434 -10.91 -6.47 -14.94
C SER A 434 -10.42 -7.91 -15.14
N THR A 435 -11.03 -8.63 -16.08
CA THR A 435 -10.63 -10.00 -16.35
C THR A 435 -9.78 -10.11 -17.61
N ALA A 436 -10.00 -9.18 -18.54
CA ALA A 436 -9.25 -9.21 -19.81
C ALA A 436 -8.76 -7.82 -20.18
N HIS A 437 -7.88 -7.25 -19.36
CA HIS A 437 -7.42 -5.90 -19.57
C HIS A 437 -6.40 -5.77 -20.69
N ARG A 438 -6.62 -4.81 -21.58
CA ARG A 438 -5.71 -4.51 -22.68
C ARG A 438 -5.07 -5.77 -23.27
N GLY A 439 -5.90 -6.73 -23.63
CA GLY A 439 -5.44 -7.94 -24.27
C GLY A 439 -4.94 -9.01 -23.32
N SER A 440 -4.47 -8.59 -22.14
CA SER A 440 -3.92 -9.53 -21.16
C SER A 440 -4.98 -10.51 -20.67
N ALA A 441 -4.56 -11.42 -19.79
CA ALA A 441 -5.48 -12.39 -19.21
C ALA A 441 -5.50 -12.24 -17.70
N LEU A 442 -6.59 -12.66 -17.08
CA LEU A 442 -6.68 -12.69 -15.62
C LEU A 442 -5.51 -13.51 -15.07
N PRO A 443 -4.83 -12.98 -14.05
CA PRO A 443 -3.74 -13.77 -13.43
C PRO A 443 -4.25 -15.13 -12.94
N LEU A 444 -3.44 -16.17 -13.13
CA LEU A 444 -3.84 -17.53 -12.76
C LEU A 444 -4.14 -17.64 -11.27
N ALA A 445 -3.35 -16.96 -10.45
CA ALA A 445 -3.50 -17.02 -9.00
C ALA A 445 -4.91 -16.64 -8.58
N ILE A 446 -5.50 -15.66 -9.25
CA ILE A 446 -6.84 -15.21 -8.89
C ILE A 446 -7.91 -16.26 -9.24
N LYS A 447 -7.89 -16.75 -10.47
CA LYS A 447 -8.85 -17.79 -10.86
C LYS A 447 -8.70 -19.02 -9.95
N TYR A 448 -7.47 -19.47 -9.76
CA TYR A 448 -7.19 -20.65 -8.95
C TYR A 448 -7.74 -20.54 -7.52
N MET A 449 -7.43 -19.43 -6.85
CA MET A 449 -7.84 -19.25 -5.47
C MET A 449 -9.35 -18.99 -5.34
N PHE A 450 -9.90 -18.22 -6.26
CA PHE A 450 -11.34 -17.98 -6.24
C PHE A 450 -12.10 -19.29 -6.45
N ASP A 451 -11.60 -20.13 -7.35
CA ASP A 451 -12.17 -21.46 -7.55
C ASP A 451 -12.08 -22.29 -6.26
N PHE A 452 -10.94 -22.20 -5.58
CA PHE A 452 -10.76 -22.92 -4.32
C PHE A 452 -11.81 -22.47 -3.30
N LEU A 453 -11.98 -21.17 -3.15
CA LEU A 453 -13.00 -20.64 -2.24
C LEU A 453 -14.41 -21.11 -2.60
N ASP A 454 -14.72 -21.11 -3.90
CA ASP A 454 -16.01 -21.61 -4.36
C ASP A 454 -16.20 -23.08 -3.95
N GLU A 455 -15.14 -23.86 -4.11
CA GLU A 455 -15.17 -25.28 -3.78
C GLU A 455 -15.42 -25.46 -2.28
N GLN A 456 -14.73 -24.67 -1.47
CA GLN A 456 -14.93 -24.72 -0.02
C GLN A 456 -16.38 -24.40 0.35
N ALA A 457 -16.97 -23.43 -0.36
CA ALA A 457 -18.36 -23.06 -0.13
C ALA A 457 -19.30 -24.18 -0.56
N ASP A 458 -19.04 -24.74 -1.74
CA ASP A 458 -19.84 -25.84 -2.28
C ASP A 458 -19.78 -27.09 -1.42
N GLN A 459 -18.64 -27.32 -0.78
CA GLN A 459 -18.48 -28.48 0.09
C GLN A 459 -19.56 -28.47 1.17
N ARG A 460 -20.04 -27.28 1.51
CA ARG A 460 -21.06 -27.15 2.55
C ARG A 460 -22.42 -26.73 2.01
N GLN A 461 -22.64 -26.93 0.71
CA GLN A 461 -23.90 -26.56 0.06
C GLN A 461 -24.19 -25.08 0.24
N ILE A 462 -23.19 -24.32 0.70
CA ILE A 462 -23.38 -22.88 0.92
C ILE A 462 -23.60 -22.18 -0.42
N SER A 463 -24.86 -21.93 -0.73
CA SER A 463 -25.26 -21.37 -2.02
C SER A 463 -25.33 -19.85 -1.99
N ASP A 464 -25.61 -19.30 -0.81
CA ASP A 464 -25.75 -17.85 -0.64
C ASP A 464 -24.60 -17.07 -1.27
N PRO A 465 -24.91 -16.29 -2.31
CA PRO A 465 -23.89 -15.53 -3.06
C PRO A 465 -23.06 -14.61 -2.17
N ASP A 466 -23.68 -14.04 -1.14
CA ASP A 466 -22.98 -13.09 -0.28
C ASP A 466 -21.80 -13.72 0.47
N VAL A 467 -21.86 -15.03 0.68
CA VAL A 467 -20.82 -15.71 1.44
C VAL A 467 -19.52 -15.76 0.64
N ARG A 468 -19.58 -16.35 -0.55
CA ARG A 468 -18.37 -16.48 -1.37
C ARG A 468 -17.89 -15.12 -1.86
N HIS A 469 -18.83 -14.21 -2.13
CA HIS A 469 -18.48 -12.82 -2.42
C HIS A 469 -17.62 -12.24 -1.30
N THR A 470 -18.07 -12.43 -0.06
CA THR A 470 -17.38 -11.89 1.10
C THR A 470 -16.01 -12.56 1.30
N TRP A 471 -15.94 -13.89 1.14
CA TRP A 471 -14.67 -14.59 1.24
C TRP A 471 -13.67 -14.05 0.23
N LYS A 472 -14.11 -13.87 -1.01
CA LYS A 472 -13.23 -13.42 -2.07
C LYS A 472 -12.74 -12.00 -1.82
N SER A 473 -13.67 -11.13 -1.43
CA SER A 473 -13.34 -9.76 -1.03
C SER A 473 -12.35 -9.76 0.13
N ASN A 474 -12.65 -10.51 1.18
CA ASN A 474 -11.77 -10.56 2.34
C ASN A 474 -10.35 -11.00 1.97
N CYS A 475 -10.26 -11.97 1.05
CA CYS A 475 -8.98 -12.59 0.72
C CYS A 475 -8.08 -11.77 -0.19
N LEU A 476 -8.68 -11.06 -1.14
CA LEU A 476 -7.88 -10.36 -2.14
C LEU A 476 -7.95 -8.83 -2.03
N PRO A 477 -9.05 -8.22 -2.52
CA PRO A 477 -9.03 -6.76 -2.56
C PRO A 477 -8.91 -6.11 -1.18
N LEU A 478 -9.55 -6.68 -0.16
CA LEU A 478 -9.55 -6.06 1.17
C LEU A 478 -8.23 -6.24 1.92
N ARG A 479 -7.31 -7.02 1.36
CA ARG A 479 -5.97 -7.12 1.93
C ARG A 479 -4.91 -6.62 0.97
N PHE A 480 -4.64 -7.40 -0.06
CA PHE A 480 -3.61 -7.04 -1.03
C PHE A 480 -3.82 -5.69 -1.70
N TRP A 481 -4.99 -5.48 -2.31
CA TRP A 481 -5.18 -4.27 -3.11
C TRP A 481 -5.23 -3.01 -2.23
N VAL A 482 -6.00 -3.08 -1.15
CA VAL A 482 -6.07 -1.95 -0.22
C VAL A 482 -4.68 -1.54 0.24
N ASN A 483 -3.83 -2.53 0.47
CA ASN A 483 -2.47 -2.27 0.95
C ASN A 483 -1.58 -1.51 -0.05
N VAL A 484 -1.61 -1.90 -1.32
CA VAL A 484 -0.82 -1.17 -2.32
C VAL A 484 -1.45 0.17 -2.72
N ILE A 485 -2.77 0.28 -2.60
CA ILE A 485 -3.41 1.57 -2.84
C ILE A 485 -2.97 2.58 -1.79
N LYS A 486 -2.96 2.15 -0.53
CA LYS A 486 -2.52 3.00 0.56
C LYS A 486 -1.00 3.20 0.53
N ASN A 487 -0.29 2.23 -0.04
CA ASN A 487 1.16 2.27 -0.04
C ASN A 487 1.78 2.00 -1.40
N PRO A 488 1.58 2.93 -2.35
CA PRO A 488 2.15 2.79 -3.70
C PRO A 488 3.67 2.71 -3.64
N GLN A 489 4.26 3.19 -2.55
CA GLN A 489 5.71 3.13 -2.40
C GLN A 489 6.21 1.71 -2.10
N PHE A 490 5.29 0.76 -1.98
CA PHE A 490 5.67 -0.65 -1.87
C PHE A 490 5.94 -1.19 -3.26
N VAL A 491 5.39 -0.53 -4.26
CA VAL A 491 5.48 -0.99 -5.64
C VAL A 491 6.46 -0.13 -6.44
N PHE A 492 6.55 1.15 -6.09
CA PHE A 492 7.36 2.09 -6.87
C PHE A 492 8.44 2.76 -6.06
N ASP A 493 9.52 3.12 -6.73
CA ASP A 493 10.56 3.93 -6.12
C ASP A 493 10.11 5.38 -6.12
N ILE A 494 9.33 5.73 -5.10
CA ILE A 494 8.77 7.07 -4.96
C ILE A 494 8.76 7.44 -3.49
N HIS A 495 8.55 8.72 -3.22
CA HIS A 495 8.30 9.19 -1.86
C HIS A 495 6.84 9.59 -1.71
N LYS A 496 6.14 8.93 -0.78
CA LYS A 496 4.75 9.28 -0.49
C LYS A 496 4.71 10.23 0.69
N ASN A 497 4.33 11.49 0.44
CA ASN A 497 4.26 12.44 1.52
C ASN A 497 2.96 12.35 2.31
N SER A 498 2.91 13.07 3.43
CA SER A 498 1.77 13.03 4.35
C SER A 498 0.42 13.32 3.69
N ILE A 499 0.33 14.42 2.94
CA ILE A 499 -0.97 14.79 2.36
C ILE A 499 -1.40 13.79 1.29
N THR A 500 -0.46 13.29 0.51
CA THR A 500 -0.75 12.25 -0.46
C THR A 500 -1.27 10.98 0.22
N ASP A 501 -0.62 10.60 1.32
CA ASP A 501 -1.07 9.46 2.10
C ASP A 501 -2.50 9.64 2.59
N ALA A 502 -2.84 10.86 2.98
CA ALA A 502 -4.18 11.17 3.47
C ALA A 502 -5.24 11.02 2.38
N CYS A 503 -4.94 11.51 1.17
CA CYS A 503 -5.85 11.34 0.05
C CYS A 503 -6.01 9.88 -0.35
N LEU A 504 -4.91 9.13 -0.36
CA LEU A 504 -4.95 7.71 -0.69
C LEU A 504 -5.79 6.93 0.31
N SER A 505 -5.79 7.38 1.57
CA SER A 505 -6.62 6.73 2.58
C SER A 505 -8.11 6.85 2.25
N VAL A 506 -8.50 8.01 1.75
CA VAL A 506 -9.89 8.22 1.33
C VAL A 506 -10.23 7.28 0.17
N VAL A 507 -9.34 7.21 -0.80
CA VAL A 507 -9.53 6.32 -1.95
C VAL A 507 -9.64 4.86 -1.49
N ALA A 508 -8.74 4.44 -0.60
CA ALA A 508 -8.74 3.07 -0.09
C ALA A 508 -10.06 2.72 0.61
N GLN A 509 -10.60 3.66 1.37
CA GLN A 509 -11.85 3.45 2.09
C GLN A 509 -13.00 3.24 1.11
N THR A 510 -13.03 4.06 0.06
CA THR A 510 -14.04 3.92 -0.98
C THR A 510 -13.91 2.54 -1.63
N PHE A 511 -12.67 2.16 -1.92
CA PHE A 511 -12.38 0.85 -2.47
C PHE A 511 -12.91 -0.27 -1.57
N MET A 512 -12.63 -0.16 -0.28
CA MET A 512 -13.12 -1.14 0.70
C MET A 512 -14.64 -1.25 0.67
N ASP A 513 -15.31 -0.09 0.72
CA ASP A 513 -16.77 -0.06 0.71
C ASP A 513 -17.33 -0.76 -0.52
N SER A 514 -16.65 -0.61 -1.65
CA SER A 514 -17.09 -1.19 -2.92
C SER A 514 -17.03 -2.72 -2.92
N CYS A 515 -16.24 -3.30 -2.03
CA CYS A 515 -16.06 -4.76 -2.00
C CYS A 515 -17.05 -5.43 -1.06
N SER A 516 -17.80 -4.62 -0.33
CA SER A 516 -18.71 -5.15 0.68
C SER A 516 -20.07 -5.47 0.08
N THR A 517 -20.75 -6.46 0.66
CA THR A 517 -22.12 -6.75 0.29
C THR A 517 -23.04 -5.90 1.15
N SER A 518 -22.48 -5.35 2.21
CA SER A 518 -23.23 -4.54 3.17
C SER A 518 -23.79 -3.27 2.54
N GLU A 519 -24.91 -2.81 3.08
CA GLU A 519 -25.59 -1.62 2.59
C GLU A 519 -24.91 -0.33 3.04
N HIS A 520 -25.01 0.70 2.21
CA HIS A 520 -24.39 1.99 2.49
C HIS A 520 -25.44 2.95 3.06
N ARG A 521 -25.45 3.12 4.37
CA ARG A 521 -26.45 3.94 5.05
C ARG A 521 -26.03 5.40 5.19
N LEU A 522 -26.43 6.22 4.23
CA LEU A 522 -25.99 7.61 4.17
C LEU A 522 -26.65 8.50 5.22
N GLY A 523 -25.83 9.21 5.98
CA GLY A 523 -26.30 10.13 7.00
C GLY A 523 -25.24 11.17 7.32
N LYS A 524 -25.63 12.21 8.05
CA LYS A 524 -24.70 13.28 8.41
C LYS A 524 -23.50 12.72 9.17
N ASP A 525 -23.75 11.78 10.07
CA ASP A 525 -22.70 11.19 10.90
C ASP A 525 -21.81 10.25 10.10
N SER A 526 -22.10 10.08 8.82
CA SER A 526 -21.31 9.21 7.97
C SER A 526 -19.96 9.83 7.63
N PRO A 527 -18.90 8.99 7.61
CA PRO A 527 -17.55 9.42 7.25
C PRO A 527 -17.55 10.21 5.93
N SER A 528 -16.57 11.08 5.77
CA SER A 528 -16.49 11.92 4.57
C SER A 528 -16.51 11.08 3.30
N ASN A 529 -15.66 10.06 3.25
CA ASN A 529 -15.57 9.20 2.07
C ASN A 529 -16.93 8.63 1.65
N LYS A 530 -17.71 8.21 2.65
CA LYS A 530 -19.05 7.67 2.40
C LYS A 530 -19.94 8.74 1.76
N LEU A 531 -19.81 9.97 2.24
CA LEU A 531 -20.60 11.08 1.72
C LEU A 531 -20.15 11.45 0.30
N LEU A 532 -18.85 11.69 0.14
CA LEU A 532 -18.28 12.10 -1.13
C LEU A 532 -18.54 11.10 -2.25
N TYR A 533 -18.37 9.81 -1.94
CA TYR A 533 -18.45 8.76 -2.95
C TYR A 533 -19.74 7.97 -2.90
N ALA A 534 -20.73 8.48 -2.16
CA ALA A 534 -22.01 7.77 -2.01
C ALA A 534 -22.63 7.35 -3.34
N LYS A 535 -22.47 8.16 -4.37
CA LYS A 535 -23.09 7.88 -5.66
C LYS A 535 -22.22 6.97 -6.53
N ASP A 536 -20.96 6.84 -6.17
CA ASP A 536 -20.03 6.03 -6.95
C ASP A 536 -19.97 4.58 -6.46
N ILE A 537 -20.12 4.39 -5.15
CA ILE A 537 -20.02 3.05 -4.57
C ILE A 537 -20.92 2.03 -5.28
N PRO A 538 -22.21 2.38 -5.49
CA PRO A 538 -23.12 1.43 -6.16
C PRO A 538 -22.58 0.95 -7.50
N ASN A 539 -21.99 1.85 -8.28
CA ASN A 539 -21.41 1.46 -9.55
C ASN A 539 -20.23 0.53 -9.34
N TYR A 540 -19.33 0.92 -8.44
CA TYR A 540 -18.14 0.11 -8.16
C TYR A 540 -18.53 -1.28 -7.70
N LYS A 541 -19.52 -1.35 -6.82
CA LYS A 541 -20.00 -2.63 -6.33
C LYS A 541 -20.42 -3.54 -7.48
N SER A 542 -21.10 -2.97 -8.48
CA SER A 542 -21.50 -3.77 -9.63
C SER A 542 -20.29 -4.29 -10.41
N TRP A 543 -19.22 -3.50 -10.47
CA TRP A 543 -18.00 -3.97 -11.12
C TRP A 543 -17.46 -5.19 -10.38
N VAL A 544 -17.46 -5.12 -9.05
CA VAL A 544 -16.93 -6.20 -8.24
C VAL A 544 -17.76 -7.48 -8.39
N GLU A 545 -19.08 -7.33 -8.34
CA GLU A 545 -19.99 -8.46 -8.53
C GLU A 545 -19.77 -9.13 -9.89
N ARG A 546 -19.62 -8.32 -10.91
CA ARG A 546 -19.41 -8.83 -12.26
C ARG A 546 -18.04 -9.47 -12.44
N TYR A 547 -17.05 -8.98 -11.69
CA TYR A 547 -15.71 -9.53 -11.66
C TYR A 547 -15.73 -10.98 -11.14
N TYR A 548 -16.31 -11.16 -9.96
CA TYR A 548 -16.39 -12.50 -9.37
C TYR A 548 -17.19 -13.44 -10.28
N ARG A 549 -18.26 -12.90 -10.87
CA ARG A 549 -19.12 -13.65 -11.77
C ARG A 549 -18.38 -14.13 -13.01
N ASP A 550 -17.67 -13.22 -13.67
CA ASP A 550 -16.92 -13.53 -14.87
C ASP A 550 -15.78 -14.53 -14.60
N ILE A 551 -15.12 -14.38 -13.45
CA ILE A 551 -14.04 -15.28 -13.09
C ILE A 551 -14.55 -16.71 -12.93
N ALA A 552 -15.70 -16.85 -12.27
CA ALA A 552 -16.31 -18.16 -12.05
C ALA A 552 -16.67 -18.86 -13.37
N LYS A 553 -17.10 -18.09 -14.36
CA LYS A 553 -17.51 -18.63 -15.65
C LYS A 553 -16.32 -19.20 -16.42
N MET A 554 -15.13 -18.69 -16.15
CA MET A 554 -13.93 -19.12 -16.87
C MET A 554 -13.61 -20.59 -16.65
N ALA A 555 -12.90 -21.18 -17.60
CA ALA A 555 -12.47 -22.57 -17.50
C ALA A 555 -11.51 -22.76 -16.34
N SER A 556 -11.68 -23.84 -15.59
CA SER A 556 -10.80 -24.14 -14.47
C SER A 556 -9.38 -24.33 -14.95
N ILE A 557 -8.43 -23.90 -14.13
CA ILE A 557 -7.02 -24.18 -14.38
C ILE A 557 -6.72 -25.57 -13.88
N SER A 558 -6.18 -26.43 -14.73
CA SER A 558 -5.82 -27.78 -14.31
C SER A 558 -4.68 -27.73 -13.30
N ASP A 559 -4.67 -28.70 -12.39
CA ASP A 559 -3.60 -28.77 -11.41
C ASP A 559 -2.23 -28.79 -12.07
N GLN A 560 -2.10 -29.54 -13.17
CA GLN A 560 -0.79 -29.65 -13.81
C GLN A 560 -0.34 -28.30 -14.38
N ASP A 561 -1.26 -27.58 -15.00
CA ASP A 561 -0.99 -26.24 -15.51
C ASP A 561 -0.61 -25.27 -14.38
N MET A 562 -1.37 -25.26 -13.29
CA MET A 562 -1.06 -24.38 -12.17
C MET A 562 0.32 -24.70 -11.59
N ASP A 563 0.57 -25.99 -11.35
CA ASP A 563 1.87 -26.45 -10.86
C ASP A 563 3.02 -26.01 -11.76
N ALA A 564 2.85 -26.16 -13.07
CA ALA A 564 3.87 -25.74 -14.01
C ALA A 564 4.14 -24.25 -13.89
N TYR A 565 3.07 -23.47 -13.79
CA TYR A 565 3.18 -22.04 -13.58
C TYR A 565 3.93 -21.74 -12.28
N LEU A 566 3.57 -22.42 -11.20
CA LEU A 566 4.23 -22.20 -9.91
C LEU A 566 5.71 -22.61 -9.97
N VAL A 567 5.99 -23.71 -10.65
CA VAL A 567 7.37 -24.11 -10.84
C VAL A 567 8.16 -23.01 -11.57
N GLU A 568 7.57 -22.46 -12.63
CA GLU A 568 8.23 -21.40 -13.38
C GLU A 568 8.49 -20.16 -12.51
N GLN A 569 7.51 -19.78 -11.70
CA GLN A 569 7.67 -18.65 -10.78
C GLN A 569 8.79 -18.90 -9.78
N SER A 570 8.81 -20.10 -9.22
CA SER A 570 9.85 -20.47 -8.26
C SER A 570 11.22 -20.38 -8.90
N ARG A 571 11.31 -20.86 -10.14
CA ARG A 571 12.58 -20.84 -10.87
C ARG A 571 13.04 -19.40 -11.10
N LEU A 572 12.12 -18.55 -11.52
CA LEU A 572 12.44 -17.15 -11.81
C LEU A 572 13.04 -16.42 -10.62
N HIS A 573 12.56 -16.74 -9.42
CA HIS A 573 12.92 -15.98 -8.23
C HIS A 573 13.64 -16.82 -7.18
N ALA A 574 14.15 -17.99 -7.60
CA ALA A 574 14.77 -18.93 -6.67
C ALA A 574 15.86 -18.32 -5.80
N ASN A 575 16.63 -17.38 -6.35
CA ASN A 575 17.75 -16.81 -5.62
C ASN A 575 17.57 -15.34 -5.24
N ASP A 576 16.32 -14.88 -5.22
CA ASP A 576 16.03 -13.50 -4.90
C ASP A 576 16.20 -13.18 -3.42
N PHE A 577 15.96 -14.18 -2.56
CA PHE A 577 16.01 -13.96 -1.12
C PHE A 577 17.07 -14.83 -0.45
N ASN A 578 17.55 -14.38 0.70
CA ASN A 578 18.46 -15.17 1.51
C ASN A 578 17.68 -16.14 2.40
N VAL A 579 17.46 -17.35 1.91
CA VAL A 579 16.68 -18.34 2.64
C VAL A 579 17.26 -18.63 4.04
N LEU A 580 18.58 -18.70 4.13
CA LEU A 580 19.23 -18.92 5.43
C LEU A 580 18.84 -17.84 6.44
N SER A 581 18.82 -16.59 6.01
CA SER A 581 18.42 -15.49 6.87
C SER A 581 16.98 -15.66 7.33
N ALA A 582 16.11 -16.02 6.40
CA ALA A 582 14.70 -16.25 6.74
C ALA A 582 14.57 -17.40 7.73
N LEU A 583 15.33 -18.46 7.49
CA LEU A 583 15.33 -19.63 8.36
C LEU A 583 15.78 -19.28 9.79
N SER A 584 16.83 -18.49 9.92
CA SER A 584 17.32 -18.11 11.24
C SER A 584 16.27 -17.30 12.00
N GLU A 585 15.66 -16.34 11.32
CA GLU A 585 14.59 -15.55 11.93
C GLU A 585 13.44 -16.44 12.39
N LEU A 586 13.06 -17.38 11.54
CA LEU A 586 11.94 -18.27 11.83
C LEU A 586 12.26 -19.17 13.02
N TYR A 587 13.52 -19.61 13.09
CA TYR A 587 13.94 -20.52 14.15
C TYR A 587 13.74 -19.93 15.55
N PHE A 588 13.75 -18.60 15.63
CA PHE A 588 13.46 -17.93 16.89
C PHE A 588 12.22 -18.51 17.56
N TYR A 589 11.19 -18.78 16.77
CA TYR A 589 9.92 -19.28 17.29
C TYR A 589 9.98 -20.75 17.68
N VAL A 590 10.89 -21.49 17.05
CA VAL A 590 11.11 -22.87 17.45
C VAL A 590 11.54 -22.91 18.91
N THR A 591 12.50 -22.07 19.27
CA THR A 591 13.08 -22.11 20.61
C THR A 591 12.17 -21.48 21.67
N LYS A 592 11.42 -20.46 21.27
CA LYS A 592 10.48 -19.81 22.19
C LYS A 592 9.34 -20.76 22.57
N TYR A 593 8.98 -21.65 21.65
CA TYR A 593 7.90 -22.60 21.90
C TYR A 593 8.38 -24.04 21.74
N ARG A 594 9.67 -24.23 22.02
CA ARG A 594 10.32 -25.53 21.93
C ARG A 594 9.47 -26.67 22.45
N GLN A 595 9.05 -26.55 23.71
CA GLN A 595 8.33 -27.64 24.39
C GLN A 595 6.98 -27.95 23.76
N GLU A 596 6.23 -26.90 23.45
CA GLU A 596 4.92 -27.06 22.82
C GLU A 596 5.03 -27.75 21.47
N ILE A 597 5.94 -27.27 20.63
CA ILE A 597 6.16 -27.87 19.31
C ILE A 597 6.49 -29.36 19.43
N LEU A 598 7.52 -29.67 20.20
CA LEU A 598 7.96 -31.05 20.37
C LEU A 598 6.82 -31.95 20.84
N THR A 599 5.99 -31.42 21.74
CA THR A 599 4.85 -32.18 22.24
C THR A 599 3.86 -32.47 21.14
N SER A 600 3.55 -31.46 20.33
CA SER A 600 2.62 -31.63 19.22
C SER A 600 3.14 -32.63 18.20
N LEU A 601 4.44 -32.59 17.94
CA LEU A 601 5.06 -33.50 16.98
C LEU A 601 4.97 -34.93 17.50
N ASP A 602 4.96 -35.07 18.81
CA ASP A 602 4.91 -36.38 19.46
C ASP A 602 3.48 -36.91 19.47
N ARG A 603 2.51 -35.99 19.52
CA ARG A 603 1.10 -36.36 19.59
C ARG A 603 0.48 -36.72 18.26
N ASP A 604 0.76 -35.92 17.24
CA ASP A 604 0.17 -36.12 15.92
C ASP A 604 0.69 -37.40 15.25
N ALA A 605 -0.23 -38.23 14.80
CA ALA A 605 0.11 -39.54 14.25
C ALA A 605 1.01 -39.47 13.02
N SER A 606 0.71 -38.56 12.11
CA SER A 606 1.48 -38.44 10.88
C SER A 606 2.90 -37.91 11.15
N CYS A 607 3.03 -37.08 12.18
CA CYS A 607 4.33 -36.54 12.55
C CYS A 607 5.26 -37.63 13.10
N ARG A 608 4.68 -38.60 13.81
CA ARG A 608 5.47 -39.70 14.31
C ARG A 608 5.90 -40.61 13.17
N LYS A 609 4.99 -40.86 12.23
CA LYS A 609 5.28 -41.67 11.05
C LYS A 609 6.62 -41.33 10.44
N HIS A 610 7.00 -40.05 10.51
CA HIS A 610 8.25 -39.60 9.89
C HIS A 610 9.25 -39.08 10.93
N LYS A 611 9.08 -39.50 12.18
CA LYS A 611 9.95 -39.11 13.28
C LYS A 611 10.36 -37.64 13.25
N LEU A 612 9.38 -36.76 13.16
CA LEU A 612 9.64 -35.33 13.08
C LEU A 612 10.19 -34.81 14.40
N ARG A 613 9.73 -35.40 15.49
CA ARG A 613 10.21 -35.03 16.82
C ARG A 613 11.73 -35.19 16.95
N GLN A 614 12.24 -36.36 16.63
CA GLN A 614 13.67 -36.63 16.71
C GLN A 614 14.48 -35.70 15.79
N LYS A 615 13.90 -35.37 14.64
CA LYS A 615 14.58 -34.47 13.71
C LYS A 615 14.70 -33.06 14.29
N LEU A 616 13.64 -32.57 14.91
CA LEU A 616 13.69 -31.25 15.52
C LEU A 616 14.66 -31.23 16.70
N GLU A 617 14.64 -32.30 17.49
CA GLU A 617 15.57 -32.43 18.60
C GLU A 617 17.01 -32.29 18.14
N GLN A 618 17.35 -32.96 17.04
CA GLN A 618 18.72 -32.89 16.53
C GLN A 618 19.09 -31.47 16.17
N ILE A 619 18.15 -30.76 15.55
CA ILE A 619 18.40 -29.39 15.15
C ILE A 619 18.67 -28.51 16.36
N ILE A 620 17.83 -28.65 17.39
CA ILE A 620 17.97 -27.86 18.61
C ILE A 620 19.36 -28.05 19.25
N THR A 621 19.84 -29.28 19.22
CA THR A 621 21.16 -29.61 19.76
C THR A 621 22.26 -29.08 18.87
N LEU A 622 22.10 -29.29 17.57
CA LEU A 622 23.12 -28.95 16.59
C LEU A 622 23.46 -27.46 16.61
N VAL A 623 22.44 -26.62 16.78
CA VAL A 623 22.65 -25.19 16.72
C VAL A 623 23.48 -24.69 17.91
N SER A 624 23.40 -25.40 19.03
CA SER A 624 24.13 -25.02 20.25
C SER A 624 25.61 -25.39 20.14
N SER A 625 25.88 -26.57 19.58
CA SER A 625 27.24 -27.11 19.52
C SER A 625 28.21 -26.16 18.82
N SER A 626 29.50 -26.41 19.02
CA SER A 626 30.54 -25.56 18.46
C SER A 626 31.69 -26.39 17.89
#